data_5NPJ
#
_entry.id   5NPJ
#
_cell.length_a   155.689
_cell.length_b   155.689
_cell.length_c   61.647
_cell.angle_alpha   90.00
_cell.angle_beta   90.00
_cell.angle_gamma   90.00
#
_symmetry.space_group_name_H-M   'P 41 21 2'
#
loop_
_entity.id
_entity.type
_entity.pdbx_description
1 polymer 'Single chain variable fragment of the non-neutralizing antibody DAO5'
2 polymer 'Epitope peptide'
3 water water
#
loop_
_entity_poly.entity_id
_entity_poly.type
_entity_poly.pdbx_seq_one_letter_code
_entity_poly.pdbx_strand_id
1 'polypeptide(L)'
;AMREVQLQQSGPELVKPGASLKISCKTSGYTFTDFTFHWVKLSHGPSLEWIGTIKPSNGDTAYNQKFKGKATLSVDKSAS
TAHIEFRSLTSEDSAVYFCARFGGSYPYAMDYWGQGTSVIVSSGTGGSGGGGSGGGGSGGGASDIVLTQSPATLSVTPGD
RVSLSCRASQGIYNYVHWFQQKSHESPRLLIKYASQSISGIPSRFSGSGSGTDFTLSINSVESEDFGMYFCQQTNKWPLT
FGAGTKLELKAAADDDDKAGWSHPQFEKGGGSGGGSGGGSWSHPQFEK
;
A,B
2 'polypeptide(L)' WGENETDVFLLN D,E
#
# COMPACT_ATOMS: atom_id res chain seq x y z
N GLU A 4 -3.03 25.21 9.23
CA GLU A 4 -3.08 23.75 9.30
C GLU A 4 -1.78 23.08 8.84
N VAL A 5 -1.11 22.46 9.80
CA VAL A 5 0.13 21.72 9.55
C VAL A 5 -0.22 20.38 8.91
N GLN A 6 0.53 19.99 7.87
CA GLN A 6 0.33 18.68 7.25
C GLN A 6 1.66 18.14 6.73
N LEU A 7 1.84 16.82 6.86
CA LEU A 7 2.95 16.07 6.29
C LEU A 7 2.30 15.14 5.28
N GLN A 8 2.66 15.29 4.00
CA GLN A 8 2.07 14.50 2.91
C GLN A 8 3.11 13.60 2.32
N GLN A 9 2.92 12.29 2.45
CA GLN A 9 3.88 11.35 1.89
C GLN A 9 3.57 10.95 0.47
N SER A 10 4.61 10.50 -0.29
CA SER A 10 4.45 10.01 -1.65
C SER A 10 3.62 8.70 -1.62
N GLY A 11 3.07 8.29 -2.78
CA GLY A 11 2.16 7.17 -2.88
C GLY A 11 2.73 5.78 -2.68
N PRO A 12 1.87 4.72 -2.78
CA PRO A 12 2.36 3.34 -2.61
C PRO A 12 3.41 2.94 -3.64
N GLU A 13 4.36 2.11 -3.23
CA GLU A 13 5.45 1.68 -4.10
C GLU A 13 5.51 0.17 -4.16
N LEU A 14 5.98 -0.34 -5.29
CA LEU A 14 6.18 -1.77 -5.51
C LEU A 14 7.43 -1.88 -6.39
N VAL A 15 8.45 -2.56 -5.87
CA VAL A 15 9.76 -2.65 -6.53
C VAL A 15 10.30 -4.07 -6.54
N LYS A 16 11.37 -4.27 -7.33
CA LYS A 16 12.08 -5.53 -7.52
C LYS A 16 13.11 -5.69 -6.39
N PRO A 17 13.43 -6.92 -5.92
CA PRO A 17 14.53 -7.07 -4.95
C PRO A 17 15.86 -6.55 -5.51
N GLY A 18 16.64 -5.91 -4.66
CA GLY A 18 17.91 -5.29 -5.04
C GLY A 18 17.77 -3.84 -5.48
N ALA A 19 16.52 -3.38 -5.71
CA ALA A 19 16.32 -2.00 -6.14
C ALA A 19 16.58 -0.96 -5.06
N SER A 20 16.76 0.28 -5.51
CA SER A 20 16.88 1.44 -4.64
C SER A 20 15.54 2.16 -4.77
N LEU A 21 15.15 2.89 -3.72
CA LEU A 21 13.88 3.60 -3.73
C LEU A 21 13.96 4.83 -2.84
N LYS A 22 13.47 5.96 -3.34
CA LYS A 22 13.44 7.20 -2.60
C LYS A 22 11.98 7.57 -2.38
N ILE A 23 11.57 7.73 -1.12
CA ILE A 23 10.20 8.11 -0.79
C ILE A 23 10.22 9.50 -0.13
N SER A 24 9.15 10.28 -0.27
CA SER A 24 9.15 11.66 0.21
C SER A 24 8.06 12.01 1.21
N CYS A 25 8.27 13.15 1.89
CA CYS A 25 7.40 13.70 2.90
C CYS A 25 7.40 15.22 2.74
N LYS A 26 6.37 15.76 2.09
CA LYS A 26 6.29 17.21 1.89
C LYS A 26 5.42 17.90 2.94
N THR A 27 5.93 18.99 3.48
CA THR A 27 5.24 19.71 4.53
C THR A 27 4.47 20.92 4.00
N SER A 28 3.49 21.37 4.77
CA SER A 28 2.74 22.60 4.53
C SER A 28 2.24 23.16 5.85
N GLY A 29 1.97 24.47 5.88
CA GLY A 29 1.40 25.16 7.02
C GLY A 29 2.35 25.61 8.11
N TYR A 30 3.68 25.35 7.95
CA TYR A 30 4.67 25.84 8.92
C TYR A 30 6.06 25.96 8.27
N THR A 31 7.05 26.51 9.02
CA THR A 31 8.42 26.66 8.50
C THR A 31 9.13 25.32 8.59
N PHE A 32 9.44 24.74 7.41
CA PHE A 32 10.07 23.41 7.24
C PHE A 32 11.33 23.16 8.11
N THR A 33 12.23 24.16 8.19
CA THR A 33 13.48 24.03 8.97
C THR A 33 13.29 24.06 10.50
N ASP A 34 12.05 24.23 11.03
CA ASP A 34 11.84 24.33 12.47
C ASP A 34 12.18 23.09 13.30
N PHE A 35 11.74 21.92 12.84
CA PHE A 35 11.78 20.70 13.65
C PHE A 35 12.41 19.53 12.97
N THR A 36 13.07 18.68 13.77
CA THR A 36 13.69 17.45 13.25
C THR A 36 12.59 16.51 12.68
N PHE A 37 12.95 15.78 11.60
CA PHE A 37 12.09 14.80 10.93
C PHE A 37 12.56 13.43 11.33
N HIS A 38 11.61 12.52 11.51
CA HIS A 38 11.87 11.14 11.91
C HIS A 38 11.17 10.18 10.98
N TRP A 39 11.79 9.03 10.73
CA TRP A 39 11.18 7.98 9.91
C TRP A 39 10.99 6.74 10.77
N VAL A 40 9.81 6.14 10.67
CA VAL A 40 9.35 5.00 11.48
C VAL A 40 8.85 3.90 10.55
N LYS A 41 9.26 2.66 10.85
CA LYS A 41 8.85 1.49 10.07
C LYS A 41 7.76 0.73 10.87
N LEU A 42 6.66 0.47 10.19
CA LEU A 42 5.56 -0.31 10.74
C LEU A 42 5.61 -1.70 10.13
N SER A 43 5.71 -2.72 11.00
CA SER A 43 5.74 -4.13 10.60
C SER A 43 4.62 -4.86 11.36
N HIS A 44 4.45 -6.20 11.15
CA HIS A 44 3.32 -6.92 11.77
C HIS A 44 3.32 -6.86 13.31
N GLY A 45 2.12 -6.94 13.87
CA GLY A 45 1.85 -6.86 15.31
C GLY A 45 0.58 -6.08 15.54
N PRO A 46 0.50 -4.78 15.16
CA PRO A 46 1.54 -3.93 14.55
C PRO A 46 2.71 -3.67 15.49
N SER A 47 3.89 -3.44 14.90
CA SER A 47 5.13 -3.12 15.61
C SER A 47 5.73 -1.87 15.00
N LEU A 48 6.27 -0.98 15.84
CA LEU A 48 6.92 0.25 15.35
C LEU A 48 8.42 0.26 15.66
N GLU A 49 9.24 0.65 14.67
CA GLU A 49 10.69 0.81 14.81
C GLU A 49 11.11 2.18 14.33
N TRP A 50 12.00 2.84 15.07
CA TRP A 50 12.55 4.14 14.69
C TRP A 50 13.77 3.88 13.80
N ILE A 51 13.78 4.47 12.60
CA ILE A 51 14.87 4.32 11.63
C ILE A 51 15.99 5.34 11.89
N GLY A 52 15.60 6.61 11.98
CA GLY A 52 16.54 7.70 12.18
C GLY A 52 15.88 9.05 12.08
N THR A 53 16.70 10.08 12.18
CA THR A 53 16.25 11.47 12.18
C THR A 53 17.20 12.38 11.42
N ILE A 54 16.65 13.50 10.93
CA ILE A 54 17.40 14.53 10.23
C ILE A 54 16.96 15.90 10.75
N LYS A 55 17.92 16.78 10.96
CA LYS A 55 17.68 18.14 11.40
C LYS A 55 17.61 18.94 10.10
N PRO A 56 16.41 19.40 9.65
CA PRO A 56 16.32 20.07 8.34
C PRO A 56 17.09 21.39 8.20
N SER A 57 17.35 22.11 9.30
CA SER A 57 18.09 23.38 9.22
C SER A 57 19.55 23.20 8.73
N ASN A 58 20.20 22.06 9.04
CA ASN A 58 21.60 21.89 8.64
C ASN A 58 21.96 20.50 8.07
N GLY A 59 20.99 19.62 7.97
CA GLY A 59 21.20 18.30 7.40
C GLY A 59 21.87 17.27 8.28
N ASP A 60 22.12 17.59 9.58
CA ASP A 60 22.70 16.64 10.54
C ASP A 60 21.73 15.47 10.76
N THR A 61 22.28 14.25 10.91
CA THR A 61 21.49 13.03 11.05
C THR A 61 21.91 12.16 12.23
N ALA A 62 21.02 11.28 12.68
CA ALA A 62 21.28 10.27 13.72
C ALA A 62 20.44 9.05 13.30
N TYR A 63 21.09 7.88 13.22
CA TYR A 63 20.43 6.66 12.77
C TYR A 63 20.38 5.60 13.84
N ASN A 64 19.36 4.72 13.74
CA ASN A 64 19.32 3.49 14.50
C ASN A 64 20.35 2.61 13.73
N GLN A 65 21.36 2.07 14.42
CA GLN A 65 22.43 1.23 13.85
C GLN A 65 21.91 0.12 12.93
N LYS A 66 20.75 -0.47 13.27
CA LYS A 66 20.08 -1.52 12.50
C LYS A 66 19.82 -1.10 11.04
N PHE A 67 19.56 0.20 10.79
CA PHE A 67 19.21 0.75 9.47
C PHE A 67 20.33 1.55 8.78
N LYS A 68 21.52 1.68 9.41
CA LYS A 68 22.67 2.41 8.86
C LYS A 68 23.11 1.95 7.46
N GLY A 69 23.12 0.65 7.20
CA GLY A 69 23.50 0.18 5.87
C GLY A 69 22.37 0.14 4.85
N LYS A 70 21.16 0.52 5.28
CA LYS A 70 19.93 0.38 4.51
C LYS A 70 19.30 1.69 4.03
N ALA A 71 19.25 2.69 4.89
CA ALA A 71 18.54 3.94 4.61
C ALA A 71 19.41 5.16 4.77
N THR A 72 19.15 6.18 3.91
CA THR A 72 19.80 7.47 3.97
C THR A 72 18.71 8.53 4.01
N LEU A 73 18.77 9.39 5.04
CA LEU A 73 17.82 10.51 5.21
C LEU A 73 18.39 11.73 4.53
N SER A 74 17.54 12.55 3.89
CA SER A 74 17.98 13.81 3.29
C SER A 74 16.81 14.80 3.32
N VAL A 75 17.09 16.09 3.05
CA VAL A 75 16.03 17.11 2.96
C VAL A 75 16.31 17.95 1.70
N ASP A 76 15.25 18.51 1.12
CA ASP A 76 15.27 19.45 0.02
C ASP A 76 14.59 20.69 0.60
N LYS A 77 15.40 21.62 1.13
CA LYS A 77 14.87 22.83 1.78
C LYS A 77 14.08 23.70 0.82
N SER A 78 14.52 23.78 -0.44
CA SER A 78 13.83 24.61 -1.45
C SER A 78 12.41 24.07 -1.74
N ALA A 79 12.18 22.75 -1.58
CA ALA A 79 10.89 22.11 -1.84
C ALA A 79 10.15 21.77 -0.54
N SER A 80 10.70 22.17 0.64
CA SER A 80 10.15 21.83 1.97
C SER A 80 9.75 20.34 1.99
N THR A 81 10.68 19.47 1.56
CA THR A 81 10.42 18.04 1.47
C THR A 81 11.57 17.24 2.12
N ALA A 82 11.21 16.24 2.94
CA ALA A 82 12.18 15.31 3.56
C ALA A 82 12.11 14.02 2.74
N HIS A 83 13.25 13.33 2.62
CA HIS A 83 13.34 12.09 1.85
C HIS A 83 14.05 11.01 2.64
N ILE A 84 13.70 9.77 2.30
CA ILE A 84 14.39 8.59 2.78
C ILE A 84 14.69 7.73 1.55
N GLU A 85 15.93 7.30 1.40
CA GLU A 85 16.35 6.48 0.29
C GLU A 85 16.84 5.15 0.80
N PHE A 86 16.23 4.07 0.30
CA PHE A 86 16.59 2.70 0.65
C PHE A 86 17.48 2.10 -0.43
N ARG A 87 18.40 1.22 -0.04
CA ARG A 87 19.25 0.52 -1.01
C ARG A 87 19.19 -0.99 -0.77
N SER A 88 19.46 -1.80 -1.84
CA SER A 88 19.48 -3.28 -1.79
C SER A 88 18.23 -3.85 -1.12
N LEU A 89 17.06 -3.37 -1.57
CA LEU A 89 15.78 -3.75 -0.98
C LEU A 89 15.52 -5.24 -1.04
N THR A 90 15.07 -5.82 0.07
CA THR A 90 14.72 -7.25 0.13
C THR A 90 13.28 -7.37 0.66
N SER A 91 12.73 -8.59 0.68
CA SER A 91 11.40 -8.90 1.22
C SER A 91 11.25 -8.38 2.67
N GLU A 92 12.36 -8.36 3.45
CA GLU A 92 12.36 -7.88 4.85
C GLU A 92 12.06 -6.37 4.97
N ASP A 93 12.23 -5.62 3.87
CA ASP A 93 11.96 -4.18 3.85
C ASP A 93 10.50 -3.85 3.48
N SER A 94 9.69 -4.85 3.04
CA SER A 94 8.27 -4.59 2.75
C SER A 94 7.60 -4.14 4.05
N ALA A 95 7.07 -2.90 4.08
CA ALA A 95 6.49 -2.35 5.31
C ALA A 95 5.79 -1.03 5.01
N VAL A 96 5.13 -0.47 6.02
CA VAL A 96 4.56 0.88 5.91
C VAL A 96 5.58 1.80 6.58
N TYR A 97 6.04 2.83 5.86
CA TYR A 97 7.00 3.79 6.41
C TYR A 97 6.32 5.12 6.67
N PHE A 98 6.49 5.66 7.91
CA PHE A 98 5.90 6.95 8.26
C PHE A 98 6.99 7.99 8.47
N CYS A 99 6.69 9.22 8.07
CA CYS A 99 7.52 10.38 8.43
C CYS A 99 6.77 11.10 9.54
N ALA A 100 7.52 11.74 10.45
CA ALA A 100 6.96 12.54 11.54
C ALA A 100 7.85 13.70 11.87
N ARG A 101 7.28 14.81 12.34
CA ARG A 101 8.10 15.93 12.79
C ARG A 101 8.12 15.91 14.32
N PHE A 102 9.19 16.40 14.92
CA PHE A 102 9.34 16.43 16.39
C PHE A 102 9.21 17.89 16.82
N GLY A 103 7.96 18.33 16.93
CA GLY A 103 7.66 19.73 17.23
C GLY A 103 6.51 20.01 18.16
N GLY A 104 5.84 21.14 17.89
CA GLY A 104 4.72 21.65 18.68
C GLY A 104 5.22 22.63 19.71
N SER A 105 4.45 22.80 20.79
CA SER A 105 4.85 23.67 21.91
C SER A 105 6.02 23.00 22.64
N TYR A 106 6.94 23.81 23.19
CA TYR A 106 8.08 23.24 23.91
C TYR A 106 7.59 22.58 25.21
N PRO A 107 8.10 21.39 25.63
CA PRO A 107 9.10 20.53 24.97
C PRO A 107 8.49 19.73 23.82
N TYR A 108 9.19 19.63 22.70
CA TYR A 108 8.71 18.99 21.47
C TYR A 108 8.49 17.47 21.55
N ALA A 109 7.61 16.93 20.70
CA ALA A 109 7.39 15.50 20.60
C ALA A 109 6.90 15.20 19.16
N MET A 110 6.74 13.91 18.79
CA MET A 110 6.29 13.55 17.43
C MET A 110 4.81 13.85 17.31
N ASP A 111 4.49 15.14 17.03
CA ASP A 111 3.12 15.66 17.08
C ASP A 111 2.35 15.54 15.75
N TYR A 112 3.04 15.69 14.61
CA TYR A 112 2.39 15.56 13.28
C TYR A 112 3.04 14.45 12.50
N TRP A 113 2.22 13.58 11.90
CA TRP A 113 2.69 12.45 11.14
C TRP A 113 2.16 12.46 9.71
N GLY A 114 2.94 11.91 8.79
CA GLY A 114 2.47 11.67 7.43
C GLY A 114 1.47 10.54 7.46
N GLN A 115 0.78 10.29 6.34
CA GLN A 115 -0.25 9.25 6.27
C GLN A 115 0.35 7.83 6.10
N GLY A 116 1.67 7.77 5.90
CA GLY A 116 2.38 6.52 5.66
C GLY A 116 2.48 6.15 4.20
N THR A 117 3.53 5.40 3.86
CA THR A 117 3.78 4.93 2.49
C THR A 117 3.99 3.42 2.54
N SER A 118 3.15 2.65 1.82
CA SER A 118 3.29 1.20 1.75
C SER A 118 4.35 0.91 0.71
N VAL A 119 5.34 0.12 1.13
CA VAL A 119 6.45 -0.26 0.27
C VAL A 119 6.44 -1.77 0.15
N ILE A 120 6.24 -2.29 -1.08
CA ILE A 120 6.28 -3.73 -1.35
C ILE A 120 7.56 -4.06 -2.14
N VAL A 121 8.36 -4.98 -1.61
CA VAL A 121 9.51 -5.49 -2.34
C VAL A 121 8.97 -6.83 -2.81
N SER A 122 8.61 -6.87 -4.09
CA SER A 122 7.91 -7.97 -4.75
C SER A 122 8.76 -9.22 -5.00
N SER A 123 8.22 -10.41 -4.68
CA SER A 123 8.89 -11.71 -4.94
C SER A 123 8.72 -12.14 -6.42
N GLY A 124 8.00 -11.33 -7.21
CA GLY A 124 7.74 -11.63 -8.62
C GLY A 124 6.61 -12.61 -8.84
N THR A 125 6.50 -13.17 -10.06
CA THR A 125 5.44 -14.13 -10.42
C THR A 125 5.75 -15.57 -9.98
N ALA A 142 22.19 -3.63 22.14
CA ALA A 142 22.70 -4.16 23.40
C ALA A 142 22.50 -3.18 24.56
N SER A 143 22.89 -1.91 24.37
CA SER A 143 22.72 -0.86 25.37
C SER A 143 21.45 -0.03 25.08
N ASP A 144 20.63 -0.44 24.07
CA ASP A 144 19.39 0.27 23.73
C ASP A 144 18.40 0.21 24.89
N ILE A 145 17.67 1.30 25.15
CA ILE A 145 16.65 1.28 26.19
C ILE A 145 15.53 0.34 25.72
N VAL A 146 15.17 -0.63 26.58
CA VAL A 146 14.11 -1.59 26.31
C VAL A 146 12.88 -1.07 27.06
N LEU A 147 11.74 -0.97 26.35
CA LEU A 147 10.48 -0.55 26.97
C LEU A 147 9.56 -1.76 26.98
N THR A 148 9.16 -2.19 28.19
CA THR A 148 8.27 -3.36 28.34
C THR A 148 6.87 -2.92 28.62
N GLN A 149 5.98 -3.22 27.70
CA GLN A 149 4.58 -2.86 27.86
C GLN A 149 3.73 -4.01 28.33
N SER A 150 2.90 -3.74 29.33
CA SER A 150 1.99 -4.71 29.87
C SER A 150 0.67 -4.04 30.32
N PRO A 151 -0.47 -4.76 30.32
CA PRO A 151 -0.64 -6.13 29.77
C PRO A 151 -0.51 -6.01 28.25
N ALA A 152 -0.04 -7.08 27.55
CA ALA A 152 0.09 -7.06 26.08
C ALA A 152 -1.27 -6.96 25.38
N THR A 153 -2.33 -7.47 26.03
CA THR A 153 -3.72 -7.42 25.57
C THR A 153 -4.67 -7.05 26.70
N LEU A 154 -5.56 -6.09 26.42
CA LEU A 154 -6.61 -5.66 27.33
C LEU A 154 -7.94 -5.85 26.60
N SER A 155 -8.75 -6.88 26.99
CA SER A 155 -10.07 -7.14 26.40
C SER A 155 -11.11 -6.58 27.33
N VAL A 156 -11.72 -5.46 26.94
CA VAL A 156 -12.67 -4.75 27.78
C VAL A 156 -13.96 -4.38 27.07
N THR A 157 -14.95 -3.98 27.88
CA THR A 157 -16.24 -3.48 27.44
C THR A 157 -16.18 -1.94 27.51
N PRO A 158 -16.75 -1.20 26.52
CA PRO A 158 -16.77 0.27 26.64
C PRO A 158 -17.37 0.69 27.98
N GLY A 159 -16.76 1.69 28.59
CA GLY A 159 -17.11 2.14 29.93
C GLY A 159 -16.18 1.61 31.01
N ASP A 160 -15.32 0.60 30.71
CA ASP A 160 -14.34 0.12 31.69
C ASP A 160 -13.21 1.17 31.81
N ARG A 161 -12.55 1.22 32.96
CA ARG A 161 -11.44 2.11 33.24
C ARG A 161 -10.17 1.26 33.09
N VAL A 162 -9.21 1.71 32.26
CA VAL A 162 -8.00 0.89 32.04
C VAL A 162 -6.71 1.67 32.33
N SER A 163 -5.63 0.93 32.61
CA SER A 163 -4.28 1.45 32.84
C SER A 163 -3.29 0.60 32.08
N LEU A 164 -2.49 1.25 31.25
CA LEU A 164 -1.48 0.61 30.41
C LEU A 164 -0.11 0.94 30.99
N SER A 165 0.76 -0.06 31.15
CA SER A 165 2.08 0.12 31.74
C SER A 165 3.19 0.08 30.73
N CYS A 166 4.22 0.88 30.98
CA CYS A 166 5.45 0.93 30.18
C CYS A 166 6.57 0.99 31.23
N ARG A 167 7.40 -0.09 31.29
CA ARG A 167 8.54 -0.20 32.21
C ARG A 167 9.85 -0.09 31.43
N ALA A 168 10.68 0.92 31.75
CA ALA A 168 11.96 1.16 31.07
C ALA A 168 13.09 0.34 31.71
N SER A 169 14.03 -0.16 30.89
CA SER A 169 15.18 -0.97 31.34
C SER A 169 16.15 -0.19 32.27
N GLN A 170 16.10 1.16 32.25
CA GLN A 170 16.86 2.05 33.14
C GLN A 170 16.12 3.39 33.24
N GLY A 171 16.48 4.19 34.26
CA GLY A 171 15.88 5.49 34.52
C GLY A 171 15.98 6.43 33.33
N ILE A 172 14.82 6.95 32.88
CA ILE A 172 14.78 7.87 31.73
C ILE A 172 14.04 9.14 32.08
N TYR A 173 13.95 9.44 33.41
CA TYR A 173 13.31 10.65 33.93
C TYR A 173 11.85 10.73 33.43
N ASN A 174 11.46 11.79 32.72
CA ASN A 174 10.09 11.91 32.22
C ASN A 174 10.06 11.81 30.66
N TYR A 175 11.09 11.23 30.03
CA TYR A 175 11.21 11.17 28.57
C TYR A 175 10.39 10.04 27.91
N VAL A 176 9.12 9.89 28.29
CA VAL A 176 8.23 8.87 27.72
C VAL A 176 7.02 9.54 27.05
N HIS A 177 6.66 9.07 25.86
CA HIS A 177 5.53 9.60 25.10
C HIS A 177 4.62 8.44 24.71
N TRP A 178 3.31 8.71 24.63
CA TRP A 178 2.32 7.68 24.32
C TRP A 178 1.62 7.96 23.02
N PHE A 179 1.47 6.91 22.21
CA PHE A 179 0.78 6.97 20.92
C PHE A 179 -0.33 5.96 20.81
N GLN A 180 -1.39 6.37 20.13
CA GLN A 180 -2.50 5.48 19.76
C GLN A 180 -2.29 5.20 18.27
N GLN A 181 -2.44 3.95 17.87
CA GLN A 181 -2.44 3.58 16.46
C GLN A 181 -3.65 2.71 16.14
N LYS A 182 -4.58 3.28 15.40
CA LYS A 182 -5.79 2.58 14.98
C LYS A 182 -5.56 1.96 13.62
N SER A 183 -6.26 0.84 13.30
CA SER A 183 -6.12 0.13 12.02
C SER A 183 -6.20 1.10 10.85
N HIS A 184 -5.26 0.96 9.89
CA HIS A 184 -5.17 1.76 8.66
C HIS A 184 -4.95 3.27 8.92
N GLU A 185 -4.46 3.65 10.12
CA GLU A 185 -4.20 5.05 10.43
C GLU A 185 -2.76 5.26 10.88
N SER A 186 -2.34 6.52 10.93
CA SER A 186 -1.00 6.87 11.41
C SER A 186 -1.03 6.91 12.93
N PRO A 187 0.13 6.74 13.61
CA PRO A 187 0.17 6.94 15.07
C PRO A 187 -0.26 8.36 15.42
N ARG A 188 -0.87 8.51 16.58
CA ARG A 188 -1.35 9.77 17.09
C ARG A 188 -0.83 10.01 18.50
N LEU A 189 -0.14 11.14 18.72
CA LEU A 189 0.43 11.49 20.02
C LEU A 189 -0.69 11.77 21.03
N LEU A 190 -0.68 11.05 22.16
CA LEU A 190 -1.70 11.21 23.21
C LEU A 190 -1.18 12.00 24.39
N ILE A 191 0.04 11.67 24.85
CA ILE A 191 0.66 12.28 26.03
C ILE A 191 2.14 12.42 25.75
N LYS A 192 2.73 13.54 26.15
CA LYS A 192 4.18 13.70 25.98
C LYS A 192 4.83 13.92 27.33
N TYR A 193 6.11 13.50 27.44
CA TYR A 193 6.91 13.67 28.65
C TYR A 193 6.18 13.17 29.90
N ALA A 194 5.70 11.92 29.80
CA ALA A 194 5.01 11.12 30.81
C ALA A 194 3.61 11.59 31.20
N SER A 195 3.38 12.89 31.33
CA SER A 195 2.10 13.40 31.85
C SER A 195 1.53 14.65 31.20
N GLN A 196 2.22 15.23 30.24
CA GLN A 196 1.76 16.46 29.59
C GLN A 196 0.67 16.23 28.56
N SER A 197 -0.45 16.96 28.69
CA SER A 197 -1.58 16.82 27.80
C SER A 197 -1.32 17.43 26.43
N ILE A 198 -2.03 16.90 25.41
CA ILE A 198 -1.88 17.31 24.01
C ILE A 198 -3.19 17.95 23.53
N SER A 199 -3.09 19.09 22.83
CA SER A 199 -4.29 19.78 22.33
C SER A 199 -5.14 18.89 21.44
N GLY A 200 -6.45 18.90 21.69
CA GLY A 200 -7.41 18.11 20.95
C GLY A 200 -7.59 16.67 21.42
N ILE A 201 -6.70 16.18 22.30
CA ILE A 201 -6.83 14.81 22.82
C ILE A 201 -7.88 14.79 23.93
N PRO A 202 -8.88 13.90 23.88
CA PRO A 202 -9.92 13.88 24.94
C PRO A 202 -9.34 13.70 26.35
N SER A 203 -9.96 14.38 27.32
CA SER A 203 -9.56 14.38 28.73
C SER A 203 -9.48 13.00 29.40
N ARG A 204 -10.18 11.96 28.85
CA ARG A 204 -10.12 10.59 29.39
C ARG A 204 -8.68 9.98 29.39
N PHE A 205 -7.80 10.46 28.52
CA PHE A 205 -6.41 10.00 28.46
C PHE A 205 -5.55 10.83 29.40
N SER A 206 -4.78 10.17 30.25
CA SER A 206 -3.84 10.85 31.15
C SER A 206 -2.64 9.96 31.37
N GLY A 207 -1.52 10.55 31.71
CA GLY A 207 -0.29 9.79 31.94
C GLY A 207 0.34 10.18 33.26
N SER A 208 1.08 9.23 33.85
CA SER A 208 1.82 9.44 35.10
C SER A 208 3.08 8.61 35.07
N GLY A 209 4.01 8.93 35.96
CA GLY A 209 5.24 8.18 36.09
C GLY A 209 6.48 9.02 35.87
N SER A 210 7.60 8.48 36.35
CA SER A 210 8.94 9.06 36.26
C SER A 210 9.93 7.99 36.60
N GLY A 211 11.08 8.03 35.95
CA GLY A 211 12.13 7.05 36.21
C GLY A 211 11.99 5.86 35.29
N THR A 212 11.40 4.77 35.80
CA THR A 212 11.25 3.54 35.03
C THR A 212 9.80 3.06 34.86
N ASP A 213 8.84 3.51 35.70
CA ASP A 213 7.46 3.03 35.60
C ASP A 213 6.52 4.13 35.13
N PHE A 214 5.90 3.89 33.98
CA PHE A 214 5.00 4.85 33.33
C PHE A 214 3.67 4.22 33.07
N THR A 215 2.60 5.00 33.25
CA THR A 215 1.24 4.51 33.07
C THR A 215 0.40 5.45 32.21
N LEU A 216 -0.33 4.88 31.24
CA LEU A 216 -1.31 5.61 30.45
C LEU A 216 -2.65 5.16 30.96
N SER A 217 -3.49 6.11 31.39
CA SER A 217 -4.83 5.78 31.88
C SER A 217 -5.93 6.26 30.97
N ILE A 218 -6.95 5.44 30.75
CA ILE A 218 -8.12 5.80 29.94
C ILE A 218 -9.30 5.70 30.91
N ASN A 219 -9.85 6.87 31.35
CA ASN A 219 -10.86 6.94 32.43
C ASN A 219 -12.15 6.18 32.15
N SER A 220 -12.56 6.12 30.89
CA SER A 220 -13.68 5.30 30.49
C SER A 220 -13.43 5.00 29.02
N VAL A 221 -13.12 3.74 28.73
CA VAL A 221 -12.84 3.27 27.38
C VAL A 221 -14.04 3.53 26.50
N GLU A 222 -13.80 4.16 25.33
CA GLU A 222 -14.87 4.39 24.35
C GLU A 222 -14.66 3.42 23.19
N SER A 223 -15.70 3.13 22.38
CA SER A 223 -15.59 2.24 21.19
C SER A 223 -14.48 2.72 20.23
N GLU A 224 -14.36 4.05 20.06
CA GLU A 224 -13.34 4.65 19.22
C GLU A 224 -11.89 4.50 19.76
N ASP A 225 -11.71 3.96 20.97
CA ASP A 225 -10.37 3.79 21.55
C ASP A 225 -9.71 2.44 21.24
N PHE A 226 -10.45 1.47 20.67
CA PHE A 226 -9.85 0.18 20.38
C PHE A 226 -8.78 0.32 19.29
N GLY A 227 -7.64 -0.26 19.56
CA GLY A 227 -6.48 -0.18 18.70
C GLY A 227 -5.24 -0.49 19.49
N MET A 228 -4.10 -0.10 18.96
CA MET A 228 -2.80 -0.36 19.52
C MET A 228 -2.27 0.87 20.26
N TYR A 229 -1.62 0.66 21.39
CA TYR A 229 -1.03 1.74 22.18
C TYR A 229 0.45 1.48 22.35
N PHE A 230 1.27 2.46 21.94
CA PHE A 230 2.71 2.33 22.05
C PHE A 230 3.29 3.38 22.93
N CYS A 231 4.30 3.02 23.73
CA CYS A 231 5.08 4.00 24.46
C CYS A 231 6.40 4.20 23.70
N GLN A 232 7.06 5.37 23.84
CA GLN A 232 8.31 5.69 23.17
C GLN A 232 9.22 6.48 24.13
N GLN A 233 10.51 6.18 24.15
CA GLN A 233 11.48 6.94 24.94
C GLN A 233 12.36 7.77 24.04
N THR A 234 12.68 8.98 24.49
CA THR A 234 13.53 9.92 23.71
C THR A 234 14.69 10.45 24.55
N ASN A 235 15.03 9.75 25.66
CA ASN A 235 16.12 10.18 26.53
C ASN A 235 17.51 9.79 25.97
N LYS A 236 17.61 8.62 25.31
CA LYS A 236 18.88 8.11 24.77
C LYS A 236 18.75 7.68 23.32
N TRP A 237 19.86 7.73 22.58
CA TRP A 237 19.92 7.23 21.20
C TRP A 237 20.15 5.69 21.26
N PRO A 238 19.54 4.89 20.36
CA PRO A 238 18.50 5.29 19.40
C PRO A 238 17.20 5.47 20.15
N LEU A 239 16.26 6.26 19.58
CA LEU A 239 14.94 6.38 20.20
C LEU A 239 14.28 4.99 20.03
N THR A 240 13.55 4.53 21.02
CA THR A 240 12.93 3.19 20.95
C THR A 240 11.46 3.20 21.36
N PHE A 241 10.71 2.18 20.93
CA PHE A 241 9.30 1.97 21.24
C PHE A 241 9.12 0.71 22.03
N GLY A 242 8.03 0.63 22.78
CA GLY A 242 7.61 -0.60 23.43
C GLY A 242 6.98 -1.48 22.35
N ALA A 243 6.68 -2.74 22.65
CA ALA A 243 6.06 -3.68 21.70
C ALA A 243 4.55 -3.44 21.50
N GLY A 244 3.97 -2.57 22.30
CA GLY A 244 2.57 -2.21 22.19
C GLY A 244 1.64 -3.03 23.06
N THR A 245 0.50 -2.42 23.43
CA THR A 245 -0.64 -3.00 24.14
C THR A 245 -1.83 -2.90 23.20
N LYS A 246 -2.48 -4.04 22.96
CA LYS A 246 -3.65 -4.08 22.09
C LYS A 246 -4.89 -3.88 22.97
N LEU A 247 -5.66 -2.83 22.72
CA LEU A 247 -6.88 -2.58 23.45
C LEU A 247 -8.00 -3.06 22.55
N GLU A 248 -8.74 -4.10 22.98
CA GLU A 248 -9.78 -4.67 22.11
C GLU A 248 -11.11 -4.90 22.83
N LEU A 249 -12.19 -5.01 22.05
CA LEU A 249 -13.53 -5.24 22.57
C LEU A 249 -13.64 -6.69 23.08
N LYS A 250 -14.09 -6.85 24.33
CA LYS A 250 -14.31 -8.14 24.98
C LYS A 250 -15.40 -8.90 24.20
N ALA A 251 -15.07 -10.13 23.74
CA ALA A 251 -15.94 -11.00 22.94
C ALA A 251 -17.26 -11.33 23.63
N GLU B 4 -22.19 7.90 -12.45
CA GLU B 4 -20.77 7.58 -12.41
C GLU B 4 -20.48 6.25 -11.70
N VAL B 5 -19.98 5.30 -12.49
CA VAL B 5 -19.59 3.98 -12.01
C VAL B 5 -18.27 4.08 -11.24
N GLN B 6 -18.18 3.41 -10.09
CA GLN B 6 -16.96 3.38 -9.32
C GLN B 6 -16.81 2.05 -8.60
N LEU B 7 -15.57 1.55 -8.54
CA LEU B 7 -15.19 0.37 -7.77
C LEU B 7 -14.23 0.92 -6.72
N GLN B 8 -14.61 0.79 -5.45
CA GLN B 8 -13.80 1.32 -4.34
C GLN B 8 -13.25 0.19 -3.53
N GLN B 9 -11.93 0.06 -3.50
CA GLN B 9 -11.33 -1.02 -2.72
C GLN B 9 -11.01 -0.62 -1.31
N SER B 10 -10.92 -1.62 -0.39
CA SER B 10 -10.54 -1.39 1.00
C SER B 10 -9.06 -0.92 1.04
N GLY B 11 -8.66 -0.32 2.18
CA GLY B 11 -7.35 0.30 2.34
C GLY B 11 -6.15 -0.63 2.41
N PRO B 12 -4.93 -0.04 2.55
CA PRO B 12 -3.70 -0.87 2.64
C PRO B 12 -3.71 -1.83 3.81
N GLU B 13 -3.13 -3.02 3.62
CA GLU B 13 -3.09 -4.05 4.66
C GLU B 13 -1.66 -4.48 4.93
N LEU B 14 -1.42 -4.92 6.16
CA LEU B 14 -0.12 -5.41 6.58
C LEU B 14 -0.41 -6.51 7.59
N VAL B 15 0.04 -7.71 7.28
CA VAL B 15 -0.27 -8.91 8.07
C VAL B 15 0.97 -9.76 8.35
N LYS B 16 0.82 -10.70 9.27
CA LYS B 16 1.85 -11.66 9.70
C LYS B 16 1.86 -12.85 8.73
N PRO B 17 3.01 -13.50 8.45
CA PRO B 17 2.98 -14.73 7.62
C PRO B 17 2.09 -15.81 8.26
N GLY B 18 1.35 -16.52 7.41
CA GLY B 18 0.42 -17.57 7.84
C GLY B 18 -0.98 -17.02 8.07
N ALA B 19 -1.15 -15.69 8.11
CA ALA B 19 -2.48 -15.12 8.35
C ALA B 19 -3.43 -15.27 7.16
N SER B 20 -4.72 -15.08 7.45
CA SER B 20 -5.78 -15.03 6.45
C SER B 20 -6.14 -13.55 6.33
N LEU B 21 -6.64 -13.14 5.17
CA LEU B 21 -7.01 -11.75 4.94
C LEU B 21 -8.13 -11.66 3.91
N LYS B 22 -9.14 -10.84 4.21
CA LYS B 22 -10.25 -10.62 3.28
C LYS B 22 -10.21 -9.16 2.87
N ILE B 23 -10.12 -8.90 1.56
CA ILE B 23 -10.12 -7.53 1.05
C ILE B 23 -11.39 -7.32 0.21
N SER B 24 -11.85 -6.07 0.11
CA SER B 24 -13.14 -5.82 -0.54
C SER B 24 -13.10 -4.81 -1.69
N CYS B 25 -14.16 -4.85 -2.49
CA CYS B 25 -14.36 -4.00 -3.65
C CYS B 25 -15.84 -3.61 -3.71
N LYS B 26 -16.16 -2.39 -3.24
CA LYS B 26 -17.56 -1.95 -3.23
C LYS B 26 -17.91 -1.09 -4.43
N THR B 27 -19.04 -1.42 -5.06
CA THR B 27 -19.45 -0.73 -6.27
C THR B 27 -20.47 0.37 -5.99
N SER B 28 -20.57 1.31 -6.92
CA SER B 28 -21.59 2.35 -6.90
C SER B 28 -21.88 2.81 -8.33
N GLY B 29 -23.07 3.36 -8.55
CA GLY B 29 -23.46 3.92 -9.83
C GLY B 29 -24.03 2.98 -10.86
N TYR B 30 -24.13 1.66 -10.55
CA TYR B 30 -24.74 0.69 -11.47
C TYR B 30 -25.25 -0.54 -10.71
N THR B 31 -25.95 -1.47 -11.42
CA THR B 31 -26.48 -2.66 -10.77
C THR B 31 -25.38 -3.70 -10.60
N PHE B 32 -25.02 -3.96 -9.33
CA PHE B 32 -23.93 -4.87 -8.91
C PHE B 32 -23.93 -6.25 -9.60
N THR B 33 -25.10 -6.89 -9.72
CA THR B 33 -25.23 -8.23 -10.35
C THR B 33 -25.06 -8.24 -11.90
N ASP B 34 -24.88 -7.08 -12.56
CA ASP B 34 -24.77 -7.04 -14.03
C ASP B 34 -23.59 -7.77 -14.65
N PHE B 35 -22.41 -7.56 -14.07
CA PHE B 35 -21.15 -8.00 -14.69
C PHE B 35 -20.28 -8.80 -13.79
N THR B 36 -19.53 -9.74 -14.39
CA THR B 36 -18.54 -10.53 -13.65
C THR B 36 -17.43 -9.63 -13.07
N PHE B 37 -16.93 -10.03 -11.90
CA PHE B 37 -15.84 -9.36 -11.17
C PHE B 37 -14.60 -10.18 -11.32
N HIS B 38 -13.47 -9.50 -11.47
CA HIS B 38 -12.17 -10.12 -11.67
C HIS B 38 -11.16 -9.56 -10.70
N TRP B 39 -10.24 -10.42 -10.23
CA TRP B 39 -9.14 -9.97 -9.35
C TRP B 39 -7.83 -10.18 -10.06
N VAL B 40 -6.97 -9.16 -10.01
CA VAL B 40 -5.67 -9.11 -10.71
C VAL B 40 -4.58 -8.78 -9.70
N LYS B 41 -3.46 -9.50 -9.79
CA LYS B 41 -2.31 -9.29 -8.92
C LYS B 41 -1.22 -8.53 -9.69
N LEU B 42 -0.78 -7.40 -9.15
CA LEU B 42 0.34 -6.65 -9.71
C LEU B 42 1.61 -6.94 -8.89
N SER B 43 2.65 -7.44 -9.58
CA SER B 43 3.97 -7.73 -9.00
C SER B 43 5.02 -6.90 -9.78
N HIS B 44 6.33 -7.01 -9.44
CA HIS B 44 7.37 -6.17 -10.08
C HIS B 44 7.44 -6.34 -11.60
N GLY B 45 7.85 -5.27 -12.27
CA GLY B 45 7.97 -5.18 -13.73
C GLY B 45 7.53 -3.81 -14.19
N PRO B 46 6.27 -3.37 -13.97
CA PRO B 46 5.14 -4.12 -13.37
C PRO B 46 4.71 -5.32 -14.20
N SER B 47 4.15 -6.33 -13.52
CA SER B 47 3.60 -7.55 -14.13
C SER B 47 2.18 -7.74 -13.62
N LEU B 48 1.28 -8.17 -14.50
CA LEU B 48 -0.12 -8.42 -14.13
C LEU B 48 -0.46 -9.89 -14.30
N GLU B 49 -1.13 -10.47 -13.29
CA GLU B 49 -1.62 -11.86 -13.30
C GLU B 49 -3.11 -11.86 -12.95
N TRP B 50 -3.90 -12.67 -13.67
CA TRP B 50 -5.31 -12.82 -13.40
C TRP B 50 -5.46 -13.93 -12.38
N ILE B 51 -6.17 -13.65 -11.28
CA ILE B 51 -6.39 -14.62 -10.18
C ILE B 51 -7.64 -15.47 -10.45
N GLY B 52 -8.75 -14.81 -10.77
CA GLY B 52 -10.01 -15.49 -10.99
C GLY B 52 -11.16 -14.52 -11.15
N THR B 53 -12.35 -15.08 -11.30
CA THR B 53 -13.55 -14.32 -11.52
C THR B 53 -14.76 -14.93 -10.82
N ILE B 54 -15.74 -14.06 -10.51
CA ILE B 54 -17.02 -14.46 -9.92
C ILE B 54 -18.14 -13.76 -10.66
N LYS B 55 -19.22 -14.50 -10.93
CA LYS B 55 -20.40 -13.98 -11.60
C LYS B 55 -21.31 -13.59 -10.42
N PRO B 56 -21.51 -12.28 -10.14
CA PRO B 56 -22.31 -11.89 -8.94
C PRO B 56 -23.77 -12.34 -8.95
N SER B 57 -24.39 -12.51 -10.13
CA SER B 57 -25.81 -12.90 -10.23
C SER B 57 -26.07 -14.30 -9.68
N ASN B 58 -25.12 -15.26 -9.86
CA ASN B 58 -25.36 -16.62 -9.38
C ASN B 58 -24.22 -17.27 -8.56
N GLY B 59 -23.14 -16.52 -8.31
CA GLY B 59 -22.02 -16.99 -7.52
C GLY B 59 -21.07 -17.96 -8.19
N ASP B 60 -21.23 -18.22 -9.52
CA ASP B 60 -20.33 -19.10 -10.29
C ASP B 60 -18.92 -18.47 -10.31
N THR B 61 -17.88 -19.31 -10.22
CA THR B 61 -16.49 -18.86 -10.19
C THR B 61 -15.62 -19.64 -11.17
N ALA B 62 -14.49 -19.02 -11.54
CA ALA B 62 -13.47 -19.65 -12.38
C ALA B 62 -12.16 -19.08 -11.88
N TYR B 63 -11.21 -19.97 -11.56
CA TYR B 63 -9.93 -19.55 -11.01
C TYR B 63 -8.78 -19.90 -11.91
N ASN B 64 -7.71 -19.11 -11.79
CA ASN B 64 -6.44 -19.45 -12.40
C ASN B 64 -5.94 -20.54 -11.41
N GLN B 65 -5.68 -21.73 -11.93
CA GLN B 65 -5.20 -22.90 -11.16
C GLN B 65 -4.04 -22.55 -10.20
N LYS B 66 -3.17 -21.61 -10.60
CA LYS B 66 -2.05 -21.14 -9.75
C LYS B 66 -2.52 -20.61 -8.36
N PHE B 67 -3.73 -20.01 -8.31
CA PHE B 67 -4.29 -19.37 -7.11
C PHE B 67 -5.41 -20.15 -6.42
N LYS B 68 -5.81 -21.33 -6.93
CA LYS B 68 -6.87 -22.16 -6.34
C LYS B 68 -6.68 -22.51 -4.86
N GLY B 69 -5.45 -22.81 -4.43
CA GLY B 69 -5.24 -23.11 -3.02
C GLY B 69 -4.96 -21.91 -2.14
N LYS B 70 -4.98 -20.71 -2.74
CA LYS B 70 -4.59 -19.45 -2.11
C LYS B 70 -5.75 -18.47 -1.86
N ALA B 71 -6.61 -18.30 -2.85
CA ALA B 71 -7.67 -17.30 -2.82
C ALA B 71 -9.05 -17.87 -3.04
N THR B 72 -10.05 -17.26 -2.35
CA THR B 72 -11.46 -17.60 -2.51
C THR B 72 -12.19 -16.30 -2.83
N LEU B 73 -12.93 -16.31 -3.92
CA LEU B 73 -13.74 -15.16 -4.33
C LEU B 73 -15.15 -15.32 -3.79
N SER B 74 -15.77 -14.20 -3.40
CA SER B 74 -17.16 -14.22 -2.95
C SER B 74 -17.80 -12.87 -3.23
N VAL B 75 -19.13 -12.79 -3.12
CA VAL B 75 -19.87 -11.53 -3.27
C VAL B 75 -20.85 -11.41 -2.10
N ASP B 76 -21.13 -10.17 -1.68
CA ASP B 76 -22.13 -9.82 -0.70
C ASP B 76 -23.11 -8.95 -1.48
N LYS B 77 -24.17 -9.58 -2.01
CA LYS B 77 -25.15 -8.85 -2.84
C LYS B 77 -25.87 -7.78 -2.05
N SER B 78 -26.12 -8.01 -0.74
CA SER B 78 -26.82 -7.03 0.09
C SER B 78 -26.00 -5.73 0.26
N ALA B 79 -24.65 -5.83 0.19
CA ALA B 79 -23.75 -4.70 0.34
C ALA B 79 -23.14 -4.25 -0.98
N SER B 80 -23.56 -4.85 -2.13
CA SER B 80 -22.98 -4.60 -3.46
C SER B 80 -21.44 -4.56 -3.36
N THR B 81 -20.87 -5.61 -2.72
CA THR B 81 -19.43 -5.69 -2.48
C THR B 81 -18.90 -7.07 -2.88
N ALA B 82 -17.77 -7.08 -3.60
CA ALA B 82 -17.08 -8.30 -3.99
C ALA B 82 -15.90 -8.43 -3.03
N HIS B 83 -15.54 -9.69 -2.69
CA HIS B 83 -14.47 -9.98 -1.76
C HIS B 83 -13.52 -11.03 -2.30
N ILE B 84 -12.28 -10.94 -1.85
CA ILE B 84 -11.25 -11.95 -2.09
C ILE B 84 -10.64 -12.25 -0.73
N GLU B 85 -10.58 -13.55 -0.39
CA GLU B 85 -10.00 -13.98 0.86
C GLU B 85 -8.79 -14.84 0.60
N PHE B 86 -7.66 -14.46 1.17
CA PHE B 86 -6.39 -15.18 1.05
C PHE B 86 -6.14 -16.03 2.28
N ARG B 87 -5.48 -17.18 2.12
CA ARG B 87 -5.12 -18.02 3.25
C ARG B 87 -3.62 -18.35 3.21
N SER B 88 -3.02 -18.65 4.39
CA SER B 88 -1.59 -19.04 4.53
C SER B 88 -0.67 -18.05 3.82
N LEU B 89 -0.88 -16.75 4.08
CA LEU B 89 -0.13 -15.70 3.42
C LEU B 89 1.37 -15.80 3.65
N THR B 90 2.16 -15.63 2.58
CA THR B 90 3.63 -15.64 2.67
C THR B 90 4.15 -14.35 2.01
N SER B 91 5.47 -14.12 2.09
CA SER B 91 6.14 -12.99 1.46
C SER B 91 5.82 -12.91 -0.05
N GLU B 92 5.62 -14.07 -0.71
CA GLU B 92 5.31 -14.16 -2.15
C GLU B 92 3.94 -13.53 -2.50
N ASP B 93 3.06 -13.38 -1.49
CA ASP B 93 1.73 -12.77 -1.67
C ASP B 93 1.74 -11.25 -1.52
N SER B 94 2.86 -10.64 -1.05
CA SER B 94 2.93 -9.17 -0.94
C SER B 94 2.81 -8.62 -2.36
N ALA B 95 1.75 -7.82 -2.61
CA ALA B 95 1.50 -7.29 -3.96
C ALA B 95 0.39 -6.26 -3.91
N VAL B 96 0.14 -5.60 -5.05
CA VAL B 96 -1.02 -4.72 -5.18
C VAL B 96 -2.11 -5.58 -5.86
N TYR B 97 -3.30 -5.67 -5.26
CA TYR B 97 -4.41 -6.45 -5.83
C TYR B 97 -5.50 -5.51 -6.32
N PHE B 98 -5.90 -5.66 -7.59
CA PHE B 98 -6.97 -4.86 -8.20
C PHE B 98 -8.23 -5.68 -8.42
N CYS B 99 -9.37 -5.01 -8.26
CA CYS B 99 -10.64 -5.61 -8.61
C CYS B 99 -11.07 -4.91 -9.91
N ALA B 100 -11.75 -5.61 -10.80
CA ALA B 100 -12.27 -5.02 -12.05
C ALA B 100 -13.60 -5.65 -12.42
N ARG B 101 -14.45 -4.91 -13.10
CA ARG B 101 -15.70 -5.50 -13.60
C ARG B 101 -15.52 -5.71 -15.11
N PHE B 102 -16.22 -6.69 -15.65
CA PHE B 102 -16.13 -7.03 -17.07
C PHE B 102 -17.46 -6.61 -17.72
N GLY B 103 -17.56 -5.32 -18.03
CA GLY B 103 -18.81 -4.73 -18.52
C GLY B 103 -18.72 -3.70 -19.61
N GLY B 104 -19.67 -2.77 -19.56
CA GLY B 104 -19.81 -1.69 -20.53
C GLY B 104 -20.77 -2.08 -21.63
N SER B 105 -20.65 -1.49 -22.81
CA SER B 105 -21.48 -1.84 -23.95
C SER B 105 -21.06 -3.22 -24.45
N TYR B 106 -22.01 -3.99 -24.99
CA TYR B 106 -21.68 -5.32 -25.50
C TYR B 106 -20.81 -5.18 -26.76
N PRO B 107 -19.74 -6.00 -26.95
CA PRO B 107 -19.22 -7.07 -26.08
C PRO B 107 -18.40 -6.50 -24.92
N TYR B 108 -18.59 -7.05 -23.72
CA TYR B 108 -17.97 -6.55 -22.47
C TYR B 108 -16.45 -6.70 -22.39
N ALA B 109 -15.79 -5.83 -21.59
CA ALA B 109 -14.36 -5.93 -21.34
C ALA B 109 -14.08 -5.33 -19.95
N MET B 110 -12.84 -5.45 -19.42
CA MET B 110 -12.51 -4.91 -18.09
C MET B 110 -12.42 -3.40 -18.19
N ASP B 111 -13.58 -2.75 -18.12
CA ASP B 111 -13.74 -1.32 -18.36
C ASP B 111 -13.55 -0.43 -17.11
N TYR B 112 -13.99 -0.90 -15.91
CA TYR B 112 -13.83 -0.13 -14.68
C TYR B 112 -13.02 -0.93 -13.69
N TRP B 113 -12.06 -0.27 -13.06
CA TRP B 113 -11.16 -0.89 -12.10
C TRP B 113 -11.19 -0.17 -10.76
N GLY B 114 -10.94 -0.92 -9.69
CA GLY B 114 -10.73 -0.37 -8.37
C GLY B 114 -9.37 0.33 -8.37
N GLN B 115 -9.08 1.09 -7.32
CA GLN B 115 -7.81 1.84 -7.23
C GLN B 115 -6.63 0.95 -6.80
N GLY B 116 -6.91 -0.30 -6.45
CA GLY B 116 -5.90 -1.25 -5.97
C GLY B 116 -5.74 -1.23 -4.46
N THR B 117 -5.31 -2.36 -3.90
CA THR B 117 -5.07 -2.53 -2.47
C THR B 117 -3.66 -3.10 -2.30
N SER B 118 -2.80 -2.39 -1.57
CA SER B 118 -1.46 -2.88 -1.25
C SER B 118 -1.56 -3.82 -0.10
N VAL B 119 -1.04 -5.04 -0.31
CA VAL B 119 -1.03 -6.07 0.72
C VAL B 119 0.43 -6.39 1.03
N ILE B 120 0.84 -6.18 2.30
CA ILE B 120 2.19 -6.52 2.76
C ILE B 120 2.12 -7.69 3.70
N VAL B 121 2.85 -8.76 3.40
CA VAL B 121 2.97 -9.87 4.31
C VAL B 121 4.35 -9.61 4.91
N SER B 122 4.34 -9.10 6.13
CA SER B 122 5.51 -8.60 6.84
C SER B 122 6.49 -9.68 7.33
N SER B 123 7.81 -9.47 7.13
CA SER B 123 8.86 -10.38 7.62
C SER B 123 9.17 -10.13 9.12
N GLY B 124 8.47 -9.17 9.74
CA GLY B 124 8.65 -8.82 11.15
C GLY B 124 9.84 -7.92 11.42
N THR B 125 10.25 -7.80 12.70
CA THR B 125 11.38 -6.95 13.10
C THR B 125 12.75 -7.64 12.91
N GLY B 141 -0.53 -25.30 -15.05
CA GLY B 141 -1.19 -24.68 -16.20
C GLY B 141 -0.41 -24.83 -17.48
N ALA B 142 -0.22 -26.08 -17.94
CA ALA B 142 0.53 -26.48 -19.14
C ALA B 142 -0.03 -25.98 -20.47
N SER B 143 -1.34 -25.65 -20.55
CA SER B 143 -1.96 -25.24 -21.81
C SER B 143 -2.45 -23.79 -21.86
N ASP B 144 -2.11 -22.96 -20.86
CA ASP B 144 -2.54 -21.55 -20.81
C ASP B 144 -2.03 -20.77 -22.04
N ILE B 145 -2.85 -19.86 -22.59
CA ILE B 145 -2.48 -19.01 -23.74
C ILE B 145 -1.33 -18.09 -23.30
N VAL B 146 -0.24 -18.09 -24.04
CA VAL B 146 0.93 -17.24 -23.77
C VAL B 146 0.82 -16.07 -24.72
N LEU B 147 0.94 -14.84 -24.20
CA LEU B 147 0.92 -13.62 -25.01
C LEU B 147 2.32 -13.02 -24.98
N THR B 148 2.95 -12.91 -26.16
CA THR B 148 4.31 -12.39 -26.28
C THR B 148 4.28 -10.94 -26.72
N GLN B 149 4.71 -10.03 -25.83
CA GLN B 149 4.74 -8.61 -26.19
C GLN B 149 6.13 -8.16 -26.57
N SER B 150 6.23 -7.47 -27.69
CA SER B 150 7.51 -6.94 -28.17
C SER B 150 7.37 -5.52 -28.72
N PRO B 151 8.38 -4.65 -28.51
CA PRO B 151 9.61 -4.89 -27.72
C PRO B 151 9.24 -4.79 -26.24
N ALA B 152 10.07 -5.31 -25.32
CA ALA B 152 9.80 -5.19 -23.88
C ALA B 152 9.89 -3.71 -23.41
N THR B 153 10.76 -2.93 -24.06
CA THR B 153 10.97 -1.51 -23.80
C THR B 153 11.09 -0.79 -25.14
N LEU B 154 10.40 0.35 -25.26
CA LEU B 154 10.39 1.19 -26.44
C LEU B 154 10.69 2.62 -25.99
N SER B 155 11.84 3.14 -26.43
CA SER B 155 12.35 4.45 -26.05
C SER B 155 12.13 5.39 -27.22
N VAL B 156 11.21 6.35 -27.07
CA VAL B 156 10.85 7.25 -28.16
C VAL B 156 10.79 8.72 -27.73
N THR B 157 10.73 9.59 -28.74
CA THR B 157 10.61 11.04 -28.59
C THR B 157 9.13 11.38 -28.91
N PRO B 158 8.46 12.30 -28.18
CA PRO B 158 7.08 12.68 -28.54
C PRO B 158 6.98 13.13 -30.00
N GLY B 159 5.98 12.61 -30.70
CA GLY B 159 5.78 12.87 -32.12
C GLY B 159 6.01 11.62 -32.96
N ASP B 160 6.79 10.65 -32.43
CA ASP B 160 7.07 9.39 -33.12
C ASP B 160 5.85 8.50 -33.27
N ARG B 161 5.76 7.80 -34.40
CA ARG B 161 4.69 6.84 -34.68
C ARG B 161 5.18 5.50 -34.11
N VAL B 162 4.40 4.82 -33.24
CA VAL B 162 4.86 3.56 -32.66
C VAL B 162 3.84 2.42 -32.85
N SER B 163 4.35 1.17 -32.90
CA SER B 163 3.54 -0.03 -33.02
C SER B 163 3.98 -1.04 -31.98
N LEU B 164 3.03 -1.48 -31.18
CA LEU B 164 3.27 -2.45 -30.11
C LEU B 164 2.66 -3.76 -30.55
N SER B 165 3.46 -4.82 -30.47
CA SER B 165 3.09 -6.16 -30.92
C SER B 165 2.70 -7.10 -29.77
N CYS B 166 1.61 -7.87 -29.96
CA CYS B 166 1.14 -8.90 -29.03
C CYS B 166 0.88 -10.14 -29.90
N ARG B 167 1.64 -11.22 -29.65
CA ARG B 167 1.51 -12.48 -30.39
C ARG B 167 0.98 -13.55 -29.48
N ALA B 168 -0.07 -14.22 -29.91
CA ALA B 168 -0.68 -15.29 -29.10
C ALA B 168 -0.11 -16.67 -29.47
N SER B 169 0.02 -17.56 -28.47
CA SER B 169 0.56 -18.92 -28.66
C SER B 169 -0.31 -19.81 -29.59
N GLN B 170 -1.60 -19.45 -29.77
CA GLN B 170 -2.54 -20.08 -30.69
C GLN B 170 -3.66 -19.08 -31.05
N GLY B 171 -4.40 -19.38 -32.11
CA GLY B 171 -5.49 -18.54 -32.61
C GLY B 171 -6.53 -18.23 -31.55
N ILE B 172 -6.79 -16.94 -31.33
CA ILE B 172 -7.77 -16.48 -30.32
C ILE B 172 -8.77 -15.51 -30.92
N TYR B 173 -8.90 -15.56 -32.26
CA TYR B 173 -9.84 -14.73 -33.03
C TYR B 173 -9.59 -13.24 -32.74
N ASN B 174 -10.59 -12.50 -32.23
CA ASN B 174 -10.41 -11.08 -31.92
C ASN B 174 -10.47 -10.84 -30.39
N TYR B 175 -10.23 -11.87 -29.57
CA TYR B 175 -10.35 -11.78 -28.11
C TYR B 175 -9.12 -11.16 -27.41
N VAL B 176 -8.62 -10.02 -27.92
CA VAL B 176 -7.47 -9.32 -27.33
C VAL B 176 -7.87 -7.89 -26.92
N HIS B 177 -7.47 -7.48 -25.73
CA HIS B 177 -7.76 -6.14 -25.21
C HIS B 177 -6.46 -5.48 -24.79
N TRP B 178 -6.39 -4.14 -24.92
CA TRP B 178 -5.19 -3.40 -24.60
C TRP B 178 -5.42 -2.46 -23.44
N PHE B 179 -4.44 -2.42 -22.53
CA PHE B 179 -4.47 -1.55 -21.36
C PHE B 179 -3.22 -0.69 -21.26
N GLN B 180 -3.41 0.53 -20.76
CA GLN B 180 -2.33 1.44 -20.42
C GLN B 180 -2.26 1.44 -18.90
N GLN B 181 -1.06 1.38 -18.33
CA GLN B 181 -0.91 1.51 -16.90
C GLN B 181 0.24 2.46 -16.62
N LYS B 182 -0.11 3.64 -16.11
CA LYS B 182 0.84 4.68 -15.70
C LYS B 182 1.18 4.43 -14.23
N SER B 183 2.39 4.89 -13.81
CA SER B 183 2.89 4.72 -12.43
C SER B 183 1.88 5.17 -11.39
N HIS B 184 1.69 4.35 -10.33
CA HIS B 184 0.80 4.59 -9.19
C HIS B 184 -0.69 4.71 -9.59
N GLU B 185 -1.08 4.08 -10.70
CA GLU B 185 -2.47 4.13 -11.18
C GLU B 185 -3.01 2.73 -11.52
N SER B 186 -4.34 2.66 -11.71
CA SER B 186 -5.02 1.44 -12.11
C SER B 186 -4.88 1.29 -13.63
N PRO B 187 -4.88 0.05 -14.18
CA PRO B 187 -4.89 -0.12 -15.65
C PRO B 187 -6.12 0.55 -16.27
N ARG B 188 -5.97 1.04 -17.50
CA ARG B 188 -7.01 1.74 -18.23
C ARG B 188 -7.22 1.07 -19.58
N LEU B 189 -8.45 0.63 -19.84
CA LEU B 189 -8.81 -0.02 -21.11
C LEU B 189 -8.69 0.97 -22.29
N LEU B 190 -7.88 0.62 -23.29
CA LEU B 190 -7.67 1.45 -24.48
C LEU B 190 -8.45 0.96 -25.68
N ILE B 191 -8.41 -0.37 -25.91
CA ILE B 191 -9.01 -1.00 -27.09
C ILE B 191 -9.56 -2.33 -26.63
N LYS B 192 -10.76 -2.70 -27.10
CA LYS B 192 -11.30 -4.02 -26.77
C LYS B 192 -11.53 -4.81 -28.04
N TYR B 193 -11.44 -6.15 -27.94
CA TYR B 193 -11.67 -7.07 -29.05
C TYR B 193 -10.89 -6.68 -30.30
N ALA B 194 -9.56 -6.50 -30.11
CA ALA B 194 -8.51 -6.19 -31.08
C ALA B 194 -8.56 -4.80 -31.71
N SER B 195 -9.75 -4.29 -32.04
CA SER B 195 -9.85 -3.04 -32.78
C SER B 195 -10.96 -2.08 -32.37
N GLN B 196 -11.82 -2.46 -31.42
CA GLN B 196 -12.96 -1.63 -31.00
C GLN B 196 -12.54 -0.48 -30.10
N SER B 197 -12.93 0.75 -30.49
CA SER B 197 -12.57 1.96 -29.75
C SER B 197 -13.38 2.08 -28.46
N ILE B 198 -12.80 2.79 -27.49
CA ILE B 198 -13.33 3.00 -26.15
C ILE B 198 -13.64 4.48 -25.97
N SER B 199 -14.81 4.81 -25.40
CA SER B 199 -15.22 6.19 -25.16
C SER B 199 -14.20 6.96 -24.35
N GLY B 200 -13.86 8.16 -24.81
CA GLY B 200 -12.90 9.03 -24.12
C GLY B 200 -11.44 8.76 -24.43
N ILE B 201 -11.12 7.64 -25.12
CA ILE B 201 -9.71 7.33 -25.43
C ILE B 201 -9.29 8.14 -26.66
N PRO B 202 -8.18 8.90 -26.59
CA PRO B 202 -7.80 9.73 -27.76
C PRO B 202 -7.62 8.94 -29.04
N SER B 203 -7.98 9.57 -30.18
CA SER B 203 -7.95 8.97 -31.52
C SER B 203 -6.60 8.41 -31.97
N ARG B 204 -5.47 8.87 -31.37
CA ARG B 204 -4.11 8.37 -31.70
C ARG B 204 -3.93 6.87 -31.43
N PHE B 205 -4.73 6.30 -30.51
CA PHE B 205 -4.66 4.87 -30.19
C PHE B 205 -5.60 4.10 -31.12
N SER B 206 -5.08 3.04 -31.75
CA SER B 206 -5.92 2.16 -32.56
C SER B 206 -5.34 0.78 -32.49
N GLY B 207 -6.18 -0.21 -32.70
CA GLY B 207 -5.74 -1.61 -32.67
C GLY B 207 -6.14 -2.33 -33.94
N SER B 208 -5.36 -3.34 -34.31
CA SER B 208 -5.63 -4.16 -35.47
C SER B 208 -5.12 -5.59 -35.18
N GLY B 209 -5.58 -6.52 -35.98
CA GLY B 209 -5.17 -7.92 -35.86
C GLY B 209 -6.30 -8.87 -35.60
N SER B 210 -6.04 -10.16 -35.85
CA SER B 210 -6.97 -11.28 -35.66
C SER B 210 -6.15 -12.54 -35.72
N GLY B 211 -6.56 -13.54 -34.97
CA GLY B 211 -5.87 -14.82 -34.94
C GLY B 211 -4.78 -14.84 -33.89
N THR B 212 -3.53 -14.60 -34.32
CA THR B 212 -2.38 -14.64 -33.42
C THR B 212 -1.56 -13.34 -33.36
N ASP B 213 -1.67 -12.44 -34.35
CA ASP B 213 -0.86 -11.21 -34.39
C ASP B 213 -1.70 -9.98 -34.20
N PHE B 214 -1.44 -9.27 -33.12
CA PHE B 214 -2.19 -8.07 -32.72
C PHE B 214 -1.26 -6.89 -32.56
N THR B 215 -1.73 -5.71 -32.96
CA THR B 215 -0.91 -4.51 -32.91
C THR B 215 -1.68 -3.33 -32.30
N LEU B 216 -1.04 -2.63 -31.37
CA LEU B 216 -1.56 -1.38 -30.82
C LEU B 216 -0.70 -0.29 -31.48
N SER B 217 -1.33 0.60 -32.23
CA SER B 217 -0.62 1.68 -32.88
C SER B 217 -0.88 3.00 -32.17
N ILE B 218 0.16 3.82 -31.98
CA ILE B 218 0.06 5.20 -31.44
C ILE B 218 0.63 6.06 -32.60
N ASN B 219 -0.26 6.71 -33.37
CA ASN B 219 0.08 7.45 -34.59
C ASN B 219 1.14 8.55 -34.39
N SER B 220 1.14 9.18 -33.21
CA SER B 220 2.07 10.22 -32.79
C SER B 220 2.00 10.23 -31.26
N VAL B 221 3.02 9.66 -30.61
CA VAL B 221 3.16 9.55 -29.16
C VAL B 221 3.19 10.93 -28.53
N GLU B 222 2.51 11.10 -27.40
CA GLU B 222 2.48 12.31 -26.60
C GLU B 222 3.23 12.02 -25.31
N SER B 223 3.71 13.09 -24.61
CA SER B 223 4.40 12.98 -23.32
C SER B 223 3.54 12.23 -22.29
N GLU B 224 2.22 12.46 -22.31
CA GLU B 224 1.30 11.80 -21.38
C GLU B 224 1.13 10.27 -21.67
N ASP B 225 1.71 9.75 -22.75
CA ASP B 225 1.59 8.33 -23.12
C ASP B 225 2.66 7.42 -22.49
N PHE B 226 3.68 7.99 -21.86
CA PHE B 226 4.72 7.15 -21.26
C PHE B 226 4.14 6.31 -20.09
N GLY B 227 4.46 5.02 -20.08
CA GLY B 227 3.96 4.08 -19.07
C GLY B 227 3.98 2.65 -19.60
N MET B 228 3.26 1.73 -18.95
CA MET B 228 3.20 0.33 -19.38
C MET B 228 1.99 0.08 -20.27
N TYR B 229 2.14 -0.79 -21.28
CA TYR B 229 1.05 -1.19 -22.16
C TYR B 229 0.96 -2.71 -22.10
N PHE B 230 -0.20 -3.22 -21.69
CA PHE B 230 -0.41 -4.66 -21.57
C PHE B 230 -1.49 -5.14 -22.52
N CYS B 231 -1.29 -6.33 -23.10
CA CYS B 231 -2.34 -6.95 -23.88
C CYS B 231 -2.94 -8.08 -22.99
N GLN B 232 -4.22 -8.43 -23.21
CA GLN B 232 -4.92 -9.46 -22.42
C GLN B 232 -5.80 -10.29 -23.36
N GLN B 233 -5.85 -11.61 -23.17
CA GLN B 233 -6.73 -12.49 -23.93
C GLN B 233 -7.85 -12.99 -23.04
N THR B 234 -9.06 -13.09 -23.61
CA THR B 234 -10.24 -13.56 -22.86
C THR B 234 -10.96 -14.67 -23.64
N ASN B 235 -10.27 -15.32 -24.59
CA ASN B 235 -10.86 -16.41 -25.37
C ASN B 235 -10.87 -17.74 -24.62
N LYS B 236 -9.79 -18.00 -23.83
CA LYS B 236 -9.61 -19.25 -23.10
C LYS B 236 -9.35 -19.07 -21.63
N TRP B 237 -9.75 -20.06 -20.83
CA TRP B 237 -9.44 -20.04 -19.42
C TRP B 237 -8.00 -20.62 -19.23
N PRO B 238 -7.20 -20.10 -18.30
CA PRO B 238 -7.44 -18.88 -17.50
C PRO B 238 -7.22 -17.66 -18.40
N LEU B 239 -7.84 -16.50 -18.07
CA LEU B 239 -7.56 -15.26 -18.81
C LEU B 239 -6.07 -14.94 -18.52
N THR B 240 -5.32 -14.47 -19.53
CA THR B 240 -3.90 -14.20 -19.35
C THR B 240 -3.50 -12.83 -19.92
N PHE B 241 -2.36 -12.30 -19.46
CA PHE B 241 -1.80 -11.03 -19.90
C PHE B 241 -0.44 -11.25 -20.54
N GLY B 242 -0.03 -10.33 -21.39
CA GLY B 242 1.33 -10.29 -21.92
C GLY B 242 2.23 -9.71 -20.82
N ALA B 243 3.55 -9.76 -21.02
CA ALA B 243 4.50 -9.23 -20.02
C ALA B 243 4.59 -7.69 -20.01
N GLY B 244 4.02 -7.07 -21.03
CA GLY B 244 3.96 -5.63 -21.15
C GLY B 244 5.07 -5.01 -21.96
N THR B 245 4.78 -3.83 -22.51
CA THR B 245 5.76 -3.00 -23.23
C THR B 245 5.86 -1.69 -22.45
N LYS B 246 7.06 -1.35 -21.97
CA LYS B 246 7.32 -0.10 -21.26
C LYS B 246 7.64 0.99 -22.30
N LEU B 247 6.73 1.97 -22.46
CA LEU B 247 6.95 3.08 -23.38
C LEU B 247 7.56 4.22 -22.56
N GLU B 248 8.81 4.59 -22.89
CA GLU B 248 9.55 5.61 -22.15
C GLU B 248 10.19 6.69 -23.04
N LEU B 249 10.53 7.84 -22.44
CA LEU B 249 11.17 8.95 -23.13
C LEU B 249 12.62 8.59 -23.46
N LYS B 250 13.00 8.73 -24.74
CA LYS B 250 14.35 8.48 -25.26
C LYS B 250 15.33 9.45 -24.60
N ASN C 4 20.87 13.10 29.45
CA ASN C 4 20.12 13.93 28.51
C ASN C 4 20.88 14.12 27.17
N GLU C 5 21.39 13.01 26.59
CA GLU C 5 22.16 13.02 25.35
C GLU C 5 21.39 13.43 24.07
N THR C 6 20.05 13.42 24.06
CA THR C 6 19.30 13.79 22.83
C THR C 6 18.85 15.26 22.81
N ASP C 7 18.85 15.95 23.96
CA ASP C 7 18.36 17.36 24.05
C ASP C 7 18.97 18.35 23.04
N VAL C 8 20.30 18.29 22.81
CA VAL C 8 20.95 19.23 21.87
C VAL C 8 20.35 19.08 20.46
N PHE C 9 20.21 17.83 20.02
CA PHE C 9 19.66 17.56 18.70
C PHE C 9 18.15 17.83 18.61
N LEU C 10 17.36 17.24 19.50
CA LEU C 10 15.89 17.30 19.42
C LEU C 10 15.22 18.56 19.93
N LEU C 11 15.80 19.18 20.98
CA LEU C 11 15.15 20.30 21.64
C LEU C 11 15.82 21.67 21.48
N ASN C 12 17.07 21.72 20.98
CA ASN C 12 17.81 22.97 20.76
C ASN C 12 18.36 23.09 19.33
N GLY D 2 -15.08 -26.31 -28.91
CA GLY D 2 -15.06 -25.25 -27.92
C GLY D 2 -14.06 -24.15 -28.23
N GLU D 3 -14.38 -23.31 -29.23
CA GLU D 3 -13.55 -22.19 -29.68
C GLU D 3 -13.93 -20.86 -28.99
N ASN D 4 -15.02 -20.88 -28.20
CA ASN D 4 -15.56 -19.74 -27.45
C ASN D 4 -15.98 -20.18 -26.03
N GLU D 5 -15.06 -20.86 -25.31
CA GLU D 5 -15.33 -21.42 -23.98
C GLU D 5 -15.62 -20.41 -22.84
N THR D 6 -15.30 -19.12 -23.00
CA THR D 6 -15.56 -18.13 -21.92
C THR D 6 -16.85 -17.34 -22.14
N ASP D 7 -17.45 -17.41 -23.36
CA ASP D 7 -18.64 -16.63 -23.72
C ASP D 7 -19.83 -16.76 -22.77
N VAL D 8 -20.16 -18.00 -22.34
CA VAL D 8 -21.31 -18.23 -21.44
C VAL D 8 -21.12 -17.54 -20.10
N PHE D 9 -19.92 -17.65 -19.55
CA PHE D 9 -19.61 -17.02 -18.28
C PHE D 9 -19.52 -15.48 -18.39
N LEU D 10 -18.68 -14.96 -19.30
CA LEU D 10 -18.40 -13.52 -19.38
C LEU D 10 -19.42 -12.66 -20.11
N LEU D 11 -20.07 -13.21 -21.14
CA LEU D 11 -20.92 -12.42 -22.01
C LEU D 11 -22.41 -12.73 -21.96
N ASN D 12 -22.82 -13.81 -21.25
CA ASN D 12 -24.24 -14.18 -21.16
C ASN D 12 -24.75 -14.29 -19.72
#